data_7JGZ
#
_entry.id   7JGZ
#
_cell.length_a   75.220
_cell.length_b   115.680
_cell.length_c   194.480
_cell.angle_alpha   90.000
_cell.angle_beta   90.000
_cell.angle_gamma   90.000
#
_symmetry.space_group_name_H-M   'I 21 21 21'
#
loop_
_entity.id
_entity.type
_entity.pdbx_description
1 polymer 'Protocadherin gamma C4'
2 branched beta-D-mannopyranose-(1-3)-2-acetamido-2-deoxy-beta-D-glucopyranose-(1-4)-[alpha-L-fucopyranose-(1-6)]2-acetamido-2-deoxy-beta-D-glucopyranose
3 branched 2-acetamido-2-deoxy-beta-D-glucopyranose-(1-4)-[alpha-L-fucopyranose-(1-6)]2-acetamido-2-deoxy-beta-D-glucopyranose
4 non-polymer alpha-D-mannopyranose
5 non-polymer 'CALCIUM ION'
6 non-polymer 1,2-ETHANEDIOL
#
_entity_poly.entity_id   1
_entity_poly.type   'polypeptide(L)'
_entity_poly.pdbx_seq_one_letter_code
;QIRYPVPEESQEGTFVGNVAQDFLLDTESLSARRLQVAGEVNQRHFRVDLDSGALLIKNPIDREALCGLSASCIVPLEFV
TEGPLEMYRAEVEIVDVNDHAPRFPRQQLDLEIGEAAPPGQRFPLEKAQDADVGSNSISSYRLSSNEHFALDVKKRSDGS
LVPELLLEKPLDREKQSDYRLVLTAVDGGNPPRSGTAELRVSVLDVNDNAPAFQQSSYRISVLESAPAGMVLIQLNASDP
DLGPSGNVTFSFSGHTPDRVRNLFSLHPTTGKLTLQGPLDFESENYYEFDVRARDGGSPAMEQHCSLRVDLLDVNDNAPH
ITVTSELGTLPESAEPGTVVALISVQDPDSGSNGDVSLRIPDHLPFALKSAFRNQFSLVTAGPLDREARSSYDIMVTASD
AGNPPLSTHRTIFLNISDVNDHHHHHHHH
;
_entity_poly.pdbx_strand_id   A
#
loop_
_chem_comp.id
_chem_comp.type
_chem_comp.name
_chem_comp.formula
BMA D-saccharide, beta linking beta-D-mannopyranose 'C6 H12 O6'
CA non-polymer 'CALCIUM ION' 'Ca 2'
EDO non-polymer 1,2-ETHANEDIOL 'C2 H6 O2'
FUC L-saccharide, alpha linking alpha-L-fucopyranose 'C6 H12 O5'
MAN D-saccharide, alpha linking alpha-D-mannopyranose 'C6 H12 O6'
NAG D-saccharide, beta linking 2-acetamido-2-deoxy-beta-D-glucopyranose 'C8 H15 N O6'
#
# COMPACT_ATOMS: atom_id res chain seq x y z
N GLN A 1 -49.65 18.79 48.36
CA GLN A 1 -49.31 19.91 49.23
C GLN A 1 -49.39 21.23 48.46
N ILE A 2 -48.71 22.24 48.99
CA ILE A 2 -48.63 23.55 48.36
C ILE A 2 -47.43 23.55 47.41
N ARG A 3 -47.68 23.71 46.12
CA ARG A 3 -46.63 23.66 45.11
C ARG A 3 -46.67 24.90 44.22
N TYR A 4 -45.53 25.57 44.11
CA TYR A 4 -45.38 26.75 43.27
C TYR A 4 -44.37 26.42 42.17
N PRO A 5 -44.72 26.55 40.89
CA PRO A 5 -43.69 26.44 39.85
C PRO A 5 -42.98 27.76 39.59
N VAL A 6 -41.67 27.68 39.40
CA VAL A 6 -40.90 28.84 38.99
C VAL A 6 -39.77 28.37 38.08
N PRO A 7 -39.52 29.04 36.94
CA PRO A 7 -38.45 28.60 36.05
C PRO A 7 -37.06 28.88 36.61
N GLU A 8 -36.13 27.96 36.34
CA GLU A 8 -34.74 28.18 36.71
C GLU A 8 -34.21 29.40 35.99
N GLU A 9 -33.13 29.98 36.52
CA GLU A 9 -32.48 31.14 35.92
C GLU A 9 -33.43 32.33 35.88
N SER A 10 -34.32 32.40 36.86
CA SER A 10 -35.21 33.52 37.00
C SER A 10 -34.50 34.67 37.71
N GLN A 11 -34.83 35.89 37.31
CA GLN A 11 -34.12 37.03 37.85
C GLN A 11 -34.47 37.23 39.32
N GLU A 12 -33.63 38.00 40.01
CA GLU A 12 -33.89 38.35 41.40
C GLU A 12 -35.23 39.06 41.53
N GLY A 13 -36.01 38.66 42.53
CA GLY A 13 -37.30 39.28 42.75
C GLY A 13 -38.47 38.66 42.03
N THR A 14 -38.26 37.59 41.27
CA THR A 14 -39.35 36.95 40.57
C THR A 14 -40.35 36.37 41.57
N PHE A 15 -41.64 36.56 41.29
CA PHE A 15 -42.68 36.09 42.18
C PHE A 15 -42.81 34.57 42.09
N VAL A 16 -42.72 33.91 43.24
CA VAL A 16 -42.95 32.47 43.31
C VAL A 16 -44.36 32.19 43.78
N GLY A 17 -44.73 32.74 44.93
CA GLY A 17 -46.05 32.48 45.49
C GLY A 17 -46.28 33.29 46.74
N ASN A 18 -47.56 33.40 47.10
CA ASN A 18 -47.99 34.09 48.32
C ASN A 18 -48.07 33.06 49.44
N VAL A 19 -46.92 32.81 50.07
CA VAL A 19 -46.84 31.78 51.09
C VAL A 19 -47.66 32.16 52.31
N ALA A 20 -47.65 33.45 52.67
CA ALA A 20 -48.41 33.89 53.83
C ALA A 20 -49.89 33.58 53.65
N GLN A 21 -50.43 33.89 52.48
CA GLN A 21 -51.85 33.64 52.20
C GLN A 21 -52.17 32.14 52.14
N ASP A 22 -51.25 31.32 51.62
CA ASP A 22 -51.48 29.87 51.63
C ASP A 22 -51.29 29.23 53.00
N PHE A 23 -50.47 29.83 53.87
CA PHE A 23 -50.37 29.36 55.25
C PHE A 23 -51.43 30.00 56.14
N LEU A 24 -52.29 30.82 55.55
CA LEU A 24 -53.44 31.44 56.20
C LEU A 24 -52.97 32.37 57.32
N LEU A 25 -51.87 33.09 57.08
CA LEU A 25 -51.36 34.01 58.07
C LEU A 25 -52.04 35.36 57.91
N ASP A 26 -52.33 36.00 59.04
CA ASP A 26 -52.91 37.32 59.02
C ASP A 26 -51.94 38.36 58.46
N THR A 27 -52.46 39.23 57.60
CA THR A 27 -51.63 40.22 56.92
C THR A 27 -51.04 41.20 57.93
N GLU A 28 -51.79 41.52 58.98
CA GLU A 28 -51.42 42.53 59.98
C GLU A 28 -50.30 42.07 60.90
N SER A 29 -49.88 40.81 60.82
CA SER A 29 -48.96 40.20 61.78
C SER A 29 -47.62 39.86 61.15
N LEU A 30 -47.38 40.33 59.93
CA LEU A 30 -46.16 39.97 59.21
C LEU A 30 -44.89 40.43 59.92
N SER A 31 -44.84 41.68 60.38
CA SER A 31 -43.65 42.19 61.08
C SER A 31 -43.35 41.52 62.42
N ALA A 32 -44.37 40.99 63.11
CA ALA A 32 -44.16 40.31 64.40
C ALA A 32 -43.77 38.84 64.26
N ARG A 33 -44.49 38.10 63.45
CA ARG A 33 -44.23 36.67 63.31
C ARG A 33 -42.82 36.41 62.80
N ARG A 34 -42.28 37.30 61.98
CA ARG A 34 -40.92 37.20 61.48
C ARG A 34 -40.73 35.89 60.71
N LEU A 35 -41.60 35.73 59.72
CA LEU A 35 -41.59 34.55 58.88
C LEU A 35 -40.27 34.54 58.12
N GLN A 36 -39.55 33.42 58.19
CA GLN A 36 -38.25 33.36 57.54
C GLN A 36 -38.07 32.03 56.86
N VAL A 37 -37.22 32.04 55.86
CA VAL A 37 -36.80 30.82 55.19
C VAL A 37 -35.77 30.14 56.09
N ALA A 38 -35.91 28.83 56.27
CA ALA A 38 -34.92 28.10 57.04
C ALA A 38 -33.92 27.43 56.10
N GLY A 39 -32.70 27.29 56.58
CA GLY A 39 -31.67 26.66 55.78
C GLY A 39 -30.80 27.70 55.11
N GLU A 40 -29.48 27.62 55.31
CA GLU A 40 -28.58 28.64 54.79
C GLU A 40 -28.69 28.72 53.27
N VAL A 41 -28.76 27.57 52.61
CA VAL A 41 -28.82 27.55 51.15
C VAL A 41 -30.11 28.20 50.69
N ASN A 42 -31.24 27.80 51.27
CA ASN A 42 -32.49 28.38 50.83
C ASN A 42 -32.56 29.85 51.21
N GLN A 43 -31.84 30.27 52.25
CA GLN A 43 -31.81 31.71 52.51
C GLN A 43 -30.91 32.41 51.50
N ARG A 44 -30.01 31.66 50.84
CA ARG A 44 -29.20 32.23 49.78
C ARG A 44 -29.99 32.40 48.51
N HIS A 45 -31.03 31.59 48.32
CA HIS A 45 -31.79 31.59 47.07
C HIS A 45 -33.22 32.12 47.18
N PHE A 46 -33.83 32.08 48.35
CA PHE A 46 -35.21 32.53 48.56
C PHE A 46 -35.28 33.55 49.68
N ARG A 47 -36.27 34.43 49.58
CA ARG A 47 -36.56 35.37 50.65
C ARG A 47 -38.06 35.63 50.66
N VAL A 48 -38.55 36.06 51.82
CA VAL A 48 -39.97 36.36 52.00
C VAL A 48 -40.10 37.87 52.14
N ASP A 49 -40.97 38.47 51.31
CA ASP A 49 -41.20 39.90 51.46
C ASP A 49 -42.05 40.16 52.70
N LEU A 50 -41.57 41.07 53.54
CA LEU A 50 -42.21 41.30 54.83
C LEU A 50 -43.54 42.02 54.69
N ASP A 51 -43.69 42.86 53.64
CA ASP A 51 -44.90 43.66 53.48
C ASP A 51 -46.06 42.89 52.86
N SER A 52 -45.79 42.07 51.84
CA SER A 52 -46.86 41.37 51.12
C SER A 52 -47.01 39.92 51.55
N GLY A 53 -45.98 39.33 52.14
CA GLY A 53 -46.00 37.91 52.49
C GLY A 53 -45.76 36.99 51.32
N ALA A 54 -45.21 37.52 50.23
CA ALA A 54 -44.97 36.74 49.01
C ALA A 54 -43.57 36.14 49.06
N LEU A 55 -43.45 34.90 48.60
CA LEU A 55 -42.15 34.26 48.46
C LEU A 55 -41.49 34.73 47.17
N LEU A 56 -40.28 35.29 47.27
CA LEU A 56 -39.59 35.87 46.14
C LEU A 56 -38.22 35.22 46.00
N ILE A 57 -37.70 35.26 44.77
CA ILE A 57 -36.36 34.81 44.47
C ILE A 57 -35.36 35.85 44.97
N LYS A 58 -34.38 35.40 45.75
CA LYS A 58 -33.25 36.24 46.16
C LYS A 58 -32.14 36.09 45.13
N ASN A 59 -31.52 34.92 45.07
CA ASN A 59 -30.51 34.70 44.05
C ASN A 59 -31.01 33.68 43.04
N PRO A 60 -30.75 33.90 41.75
CA PRO A 60 -31.27 33.00 40.72
C PRO A 60 -30.85 31.56 40.96
N ILE A 61 -31.72 30.63 40.60
CA ILE A 61 -31.52 29.22 40.86
C ILE A 61 -31.19 28.49 39.57
N ASP A 62 -30.18 27.64 39.63
CA ASP A 62 -29.81 26.74 38.54
C ASP A 62 -30.41 25.38 38.85
N ARG A 63 -31.34 24.91 38.02
CA ARG A 63 -31.92 23.60 38.27
C ARG A 63 -30.88 22.51 38.06
N GLU A 64 -29.98 22.70 37.11
CA GLU A 64 -28.98 21.67 36.80
C GLU A 64 -28.07 21.45 37.99
N ALA A 65 -27.61 22.55 38.61
CA ALA A 65 -26.75 22.47 39.78
C ALA A 65 -27.48 21.91 40.99
N LEU A 66 -28.81 21.92 40.98
CA LEU A 66 -29.61 21.52 42.13
C LEU A 66 -29.99 20.04 42.08
N CYS A 67 -30.53 19.57 40.95
CA CYS A 67 -31.03 18.21 40.84
C CYS A 67 -30.28 17.35 39.84
N GLY A 68 -29.42 17.93 39.01
CA GLY A 68 -28.68 17.13 38.06
C GLY A 68 -29.56 16.51 37.00
N LEU A 69 -29.54 15.17 36.94
CA LEU A 69 -30.27 14.43 35.94
C LEU A 69 -31.61 13.89 36.44
N SER A 70 -32.07 14.34 37.62
CA SER A 70 -33.35 13.85 38.11
C SER A 70 -34.47 14.36 37.21
N ALA A 71 -35.52 13.55 37.06
CA ALA A 71 -36.62 13.94 36.20
C ALA A 71 -37.44 15.05 36.83
N SER A 72 -37.68 14.98 38.13
CA SER A 72 -38.48 15.96 38.85
C SER A 72 -37.59 16.68 39.85
N CYS A 73 -37.74 18.01 39.92
CA CYS A 73 -36.99 18.81 40.88
C CYS A 73 -37.97 19.59 41.74
N ILE A 74 -38.13 19.16 42.98
CA ILE A 74 -39.07 19.75 43.93
C ILE A 74 -38.27 20.09 45.17
N VAL A 75 -38.36 21.33 45.63
CA VAL A 75 -37.54 21.77 46.75
C VAL A 75 -38.48 22.07 47.93
N PRO A 76 -38.44 21.26 48.99
CA PRO A 76 -39.24 21.59 50.18
C PRO A 76 -38.61 22.76 50.91
N LEU A 77 -39.42 23.77 51.17
CA LEU A 77 -39.01 24.98 51.87
C LEU A 77 -39.67 24.95 53.23
N GLU A 78 -38.90 25.36 54.24
CA GLU A 78 -39.37 25.45 55.61
C GLU A 78 -39.39 26.91 56.05
N PHE A 79 -40.42 27.25 56.82
CA PHE A 79 -40.62 28.62 57.28
C PHE A 79 -40.83 28.58 58.79
N VAL A 80 -40.46 29.68 59.45
CA VAL A 80 -40.55 29.77 60.90
C VAL A 80 -41.18 31.09 61.30
N THR A 81 -42.05 31.05 62.30
CA THR A 81 -42.59 32.25 62.91
C THR A 81 -42.28 32.21 64.41
N GLU A 82 -42.46 33.37 65.05
CA GLU A 82 -42.33 33.50 66.50
C GLU A 82 -43.57 34.19 67.06
N GLY A 83 -43.96 33.77 68.26
CA GLY A 83 -45.06 34.36 68.98
C GLY A 83 -46.42 33.98 68.44
N PRO A 84 -46.79 32.69 68.54
CA PRO A 84 -45.97 31.60 69.06
C PRO A 84 -45.01 31.03 68.02
N LEU A 85 -44.04 30.26 68.48
CA LEU A 85 -43.04 29.64 67.62
C LEU A 85 -43.68 28.55 66.77
N GLU A 86 -43.67 28.71 65.44
CA GLU A 86 -44.32 27.71 64.61
C GLU A 86 -43.51 27.48 63.34
N MET A 87 -43.69 26.30 62.73
CA MET A 87 -43.00 25.92 61.51
C MET A 87 -43.99 25.50 60.42
N TYR A 88 -43.70 25.91 59.19
CA TYR A 88 -44.54 25.59 58.05
C TYR A 88 -43.68 25.05 56.91
N ARG A 89 -44.31 24.33 55.99
CA ARG A 89 -43.60 23.68 54.91
C ARG A 89 -44.39 23.89 53.63
N ALA A 90 -43.67 24.09 52.53
CA ALA A 90 -44.28 24.19 51.21
C ALA A 90 -43.27 23.73 50.19
N GLU A 91 -43.75 23.37 49.00
CA GLU A 91 -42.87 22.85 47.96
C GLU A 91 -42.82 23.81 46.79
N VAL A 92 -41.61 24.10 46.32
CA VAL A 92 -41.40 24.92 45.13
C VAL A 92 -40.93 24.00 44.02
N GLU A 93 -41.64 23.96 42.90
CA GLU A 93 -41.19 23.19 41.76
C GLU A 93 -40.38 24.09 40.84
N ILE A 94 -39.10 23.76 40.66
CA ILE A 94 -38.21 24.51 39.78
C ILE A 94 -38.30 23.89 38.38
N VAL A 95 -38.80 24.66 37.42
CA VAL A 95 -39.02 24.14 36.07
C VAL A 95 -37.78 24.37 35.21
N ASP A 96 -37.32 23.30 34.55
CA ASP A 96 -36.13 23.36 33.71
C ASP A 96 -36.40 24.18 32.45
N VAL A 97 -35.43 25.01 32.06
CA VAL A 97 -35.45 25.66 30.76
C VAL A 97 -34.32 25.09 29.88
N ASN A 98 -34.40 25.39 28.59
CA ASN A 98 -33.48 24.83 27.61
C ASN A 98 -32.28 25.76 27.40
N ASP A 99 -31.56 26.03 28.48
CA ASP A 99 -30.40 26.92 28.44
C ASP A 99 -29.09 26.15 28.27
N HIS A 100 -29.15 24.92 27.80
CA HIS A 100 -27.95 24.17 27.46
C HIS A 100 -28.10 23.58 26.07
N ALA A 101 -27.17 23.88 25.20
CA ALA A 101 -27.03 23.23 23.92
C ALA A 101 -26.18 21.98 24.07
N PRO A 102 -26.47 20.93 23.28
CA PRO A 102 -25.56 19.78 23.26
C PRO A 102 -24.17 20.24 22.87
N ARG A 103 -23.17 19.69 23.56
CA ARG A 103 -21.79 20.11 23.32
C ARG A 103 -20.90 18.89 23.56
N PHE A 104 -20.11 18.55 22.56
CA PHE A 104 -19.13 17.49 22.69
C PHE A 104 -17.96 17.98 23.52
N PRO A 105 -17.49 17.21 24.51
CA PRO A 105 -16.34 17.68 25.32
C PRO A 105 -15.11 17.92 24.48
N ARG A 106 -14.96 17.22 23.36
CA ARG A 106 -13.93 17.54 22.39
C ARG A 106 -14.68 17.76 21.09
N GLN A 107 -14.43 18.88 20.43
CA GLN A 107 -15.08 19.08 19.15
C GLN A 107 -14.28 18.50 18.00
N GLN A 108 -13.08 18.02 18.26
CA GLN A 108 -12.22 17.36 17.28
C GLN A 108 -11.85 15.97 17.79
N LEU A 109 -12.39 14.93 17.15
CA LEU A 109 -12.07 13.54 17.47
C LEU A 109 -11.34 12.85 16.34
N ASP A 110 -10.26 12.15 16.67
CA ASP A 110 -9.39 11.51 15.70
C ASP A 110 -9.31 10.01 15.99
N LEU A 111 -9.58 9.19 14.98
CA LEU A 111 -9.49 7.74 15.06
C LEU A 111 -8.49 7.19 14.04
N GLU A 112 -7.67 6.24 14.46
CA GLU A 112 -6.76 5.53 13.58
C GLU A 112 -7.23 4.08 13.56
N ILE A 113 -7.73 3.65 12.39
CA ILE A 113 -8.28 2.31 12.21
C ILE A 113 -7.41 1.53 11.24
N GLY A 114 -7.12 0.27 11.59
CA GLY A 114 -6.33 -0.57 10.71
C GLY A 114 -7.11 -0.94 9.45
N GLU A 115 -6.41 -0.94 8.32
CA GLU A 115 -7.03 -1.23 7.03
C GLU A 115 -7.76 -2.55 7.01
N ALA A 116 -7.29 -3.54 7.77
CA ALA A 116 -7.89 -4.87 7.80
C ALA A 116 -8.84 -5.07 8.96
N ALA A 117 -9.46 -4.00 9.47
CA ALA A 117 -10.44 -4.13 10.53
C ALA A 117 -11.65 -4.88 9.99
N PRO A 118 -12.16 -5.89 10.68
CA PRO A 118 -13.29 -6.66 10.17
C PRO A 118 -14.58 -5.86 10.22
N PRO A 119 -15.43 -6.01 9.20
CA PRO A 119 -16.75 -5.38 9.25
C PRO A 119 -17.54 -5.86 10.45
N GLY A 120 -18.26 -4.94 11.07
CA GLY A 120 -18.97 -5.22 12.29
C GLY A 120 -18.28 -4.79 13.56
N GLN A 121 -17.00 -4.40 13.48
CA GLN A 121 -16.33 -3.94 14.68
C GLN A 121 -16.86 -2.56 15.05
N ARG A 122 -16.98 -2.30 16.34
CA ARG A 122 -17.55 -1.06 16.84
C ARG A 122 -16.49 -0.20 17.51
N PHE A 123 -16.69 1.12 17.43
CA PHE A 123 -15.75 2.08 18.00
C PHE A 123 -16.52 3.10 18.83
N PRO A 124 -16.12 3.33 20.07
CA PRO A 124 -16.85 4.27 20.93
C PRO A 124 -16.72 5.70 20.43
N LEU A 125 -17.76 6.49 20.70
CA LEU A 125 -17.76 7.92 20.44
C LEU A 125 -18.10 8.70 21.70
N GLU A 126 -17.52 9.89 21.83
CA GLU A 126 -17.83 10.72 22.98
C GLU A 126 -19.22 11.31 22.82
N LYS A 127 -20.11 11.05 23.77
CA LYS A 127 -21.45 11.56 23.60
C LYS A 127 -21.41 13.04 23.96
N ALA A 128 -22.30 13.79 23.33
CA ALA A 128 -22.38 15.19 23.71
C ALA A 128 -23.04 15.32 25.06
N GLN A 129 -22.85 16.47 25.69
CA GLN A 129 -23.41 16.72 27.00
C GLN A 129 -24.49 17.78 26.90
N ASP A 130 -25.61 17.51 27.54
CA ASP A 130 -26.74 18.43 27.64
C ASP A 130 -27.23 18.30 29.06
N ALA A 131 -26.93 19.30 29.88
CA ALA A 131 -27.20 19.22 31.31
C ALA A 131 -28.68 19.23 31.63
N ASP A 132 -29.54 19.51 30.65
CA ASP A 132 -30.96 19.50 30.89
C ASP A 132 -31.46 18.06 31.01
N VAL A 133 -32.75 17.93 31.34
CA VAL A 133 -33.40 16.64 31.52
C VAL A 133 -34.70 16.63 30.72
N GLY A 134 -35.32 15.45 30.65
CA GLY A 134 -36.58 15.34 29.94
C GLY A 134 -36.41 15.59 28.46
N SER A 135 -37.41 16.26 27.87
CA SER A 135 -37.36 16.57 26.44
C SER A 135 -36.26 17.55 26.08
N ASN A 136 -35.72 18.28 27.06
CA ASN A 136 -34.65 19.24 26.81
C ASN A 136 -33.26 18.62 26.77
N SER A 137 -33.12 17.34 27.11
CA SER A 137 -31.84 16.65 27.03
C SER A 137 -31.61 16.16 25.60
N ILE A 138 -30.46 15.51 25.38
CA ILE A 138 -30.12 15.08 24.03
C ILE A 138 -31.19 14.12 23.53
N SER A 139 -31.68 14.38 22.32
CA SER A 139 -32.75 13.59 21.73
C SER A 139 -32.33 12.79 20.50
N SER A 140 -31.27 13.21 19.79
CA SER A 140 -30.90 12.42 18.64
C SER A 140 -29.46 12.68 18.23
N TYR A 141 -28.86 11.67 17.61
CA TYR A 141 -27.56 11.76 16.99
C TYR A 141 -27.67 11.54 15.48
N ARG A 142 -26.82 12.23 14.71
CA ARG A 142 -26.78 12.10 13.27
C ARG A 142 -25.34 11.97 12.81
N LEU A 143 -25.10 11.12 11.81
CA LEU A 143 -23.77 10.97 11.24
C LEU A 143 -23.86 11.32 9.76
N SER A 144 -22.94 12.15 9.29
CA SER A 144 -22.97 12.54 7.89
C SER A 144 -22.85 11.32 6.97
N SER A 145 -23.31 11.50 5.74
CA SER A 145 -23.29 10.45 4.74
C SER A 145 -21.87 9.99 4.48
N ASN A 146 -21.65 8.68 4.49
CA ASN A 146 -20.37 8.11 4.09
C ASN A 146 -20.67 6.67 3.69
N GLU A 147 -19.64 5.94 3.28
CA GLU A 147 -19.91 4.64 2.68
C GLU A 147 -19.44 3.44 3.49
N HIS A 148 -18.59 3.63 4.48
CA HIS A 148 -18.08 2.51 5.24
C HIS A 148 -18.60 2.47 6.67
N PHE A 149 -19.03 3.61 7.21
CA PHE A 149 -19.39 3.75 8.61
C PHE A 149 -20.87 4.10 8.75
N ALA A 150 -21.49 3.59 9.81
CA ALA A 150 -22.85 3.95 10.17
C ALA A 150 -22.92 4.18 11.67
N LEU A 151 -24.06 4.68 12.14
CA LEU A 151 -24.27 4.94 13.55
C LEU A 151 -25.08 3.84 14.19
N ASP A 152 -24.66 3.46 15.40
CA ASP A 152 -25.38 2.53 16.26
C ASP A 152 -25.57 3.28 17.56
N VAL A 153 -26.76 3.84 17.77
CA VAL A 153 -27.00 4.70 18.92
C VAL A 153 -27.64 3.79 19.96
N LYS A 154 -27.08 3.78 21.14
CA LYS A 154 -27.52 2.92 22.23
C LYS A 154 -28.32 3.69 23.26
N LYS A 155 -29.34 3.02 23.79
CA LYS A 155 -30.26 3.57 24.78
C LYS A 155 -29.90 2.89 26.09
N ARG A 156 -29.52 3.70 27.08
CA ARG A 156 -29.13 3.19 28.37
C ARG A 156 -30.35 3.06 29.26
N SER A 157 -30.13 2.47 30.43
CA SER A 157 -31.28 2.09 31.25
C SER A 157 -32.02 3.33 31.72
N ASP A 158 -31.30 4.45 31.87
CA ASP A 158 -31.85 5.71 32.31
C ASP A 158 -32.35 6.59 31.17
N GLY A 159 -32.09 6.22 29.92
CA GLY A 159 -32.51 7.04 28.79
C GLY A 159 -31.43 7.86 28.14
N SER A 160 -30.16 7.66 28.52
CA SER A 160 -29.06 8.36 27.88
C SER A 160 -28.72 7.72 26.54
N LEU A 161 -28.40 8.56 25.56
CA LEU A 161 -27.98 8.04 24.26
C LEU A 161 -26.47 7.96 24.19
N VAL A 162 -25.97 6.83 23.70
CA VAL A 162 -24.56 6.55 23.48
C VAL A 162 -24.26 6.26 22.01
N PRO A 163 -23.64 7.16 21.26
CA PRO A 163 -23.44 6.89 19.84
C PRO A 163 -22.18 6.04 19.66
N GLU A 164 -22.25 5.07 18.74
CA GLU A 164 -21.12 4.23 18.42
C GLU A 164 -20.95 4.19 16.91
N LEU A 165 -19.70 4.19 16.47
CA LEU A 165 -19.39 4.08 15.06
C LEU A 165 -19.25 2.61 14.67
N LEU A 166 -19.99 2.20 13.65
CA LEU A 166 -20.02 0.80 13.25
C LEU A 166 -19.43 0.70 11.86
N LEU A 167 -18.37 -0.10 11.70
CA LEU A 167 -17.79 -0.34 10.40
C LEU A 167 -18.67 -1.34 9.68
N GLU A 168 -19.27 -0.93 8.57
CA GLU A 168 -20.16 -1.81 7.81
C GLU A 168 -19.48 -2.49 6.64
N LYS A 169 -18.57 -1.80 5.96
CA LYS A 169 -17.86 -2.35 4.82
C LYS A 169 -16.35 -2.28 5.04
N PRO A 170 -15.60 -3.24 4.51
CA PRO A 170 -14.14 -3.23 4.70
C PRO A 170 -13.50 -1.97 4.14
N LEU A 171 -12.43 -1.55 4.79
CA LEU A 171 -11.70 -0.36 4.37
C LEU A 171 -10.56 -0.75 3.43
N ASP A 172 -10.04 0.27 2.73
CA ASP A 172 -8.89 0.08 1.84
C ASP A 172 -8.16 1.42 1.74
N ARG A 173 -7.04 1.52 2.45
CA ARG A 173 -6.26 2.76 2.43
C ARG A 173 -5.78 3.07 1.02
N GLU A 174 -5.57 2.04 0.21
CA GLU A 174 -5.11 2.23 -1.16
C GLU A 174 -6.14 2.92 -2.04
N LYS A 175 -7.42 2.95 -1.63
CA LYS A 175 -8.45 3.67 -2.36
C LYS A 175 -8.80 5.00 -1.73
N GLN A 176 -8.86 5.07 -0.39
CA GLN A 176 -9.16 6.31 0.32
C GLN A 176 -8.57 6.16 1.72
N SER A 177 -7.68 7.08 2.09
CA SER A 177 -6.98 6.97 3.37
C SER A 177 -7.59 7.83 4.48
N ASP A 178 -8.34 8.88 4.15
CA ASP A 178 -8.86 9.78 5.16
C ASP A 178 -10.36 9.98 4.97
N TYR A 179 -11.09 10.03 6.09
CA TYR A 179 -12.51 10.35 6.09
C TYR A 179 -12.78 11.49 7.05
N ARG A 180 -13.47 12.52 6.57
CA ARG A 180 -13.89 13.68 7.35
C ARG A 180 -15.41 13.57 7.52
N LEU A 181 -15.87 13.35 8.75
CA LEU A 181 -17.29 13.21 9.00
C LEU A 181 -17.70 14.20 10.07
N VAL A 182 -18.97 14.60 10.06
CA VAL A 182 -19.52 15.44 11.12
C VAL A 182 -20.57 14.65 11.89
N LEU A 183 -20.47 14.71 13.22
CA LEU A 183 -21.41 14.07 14.12
C LEU A 183 -22.23 15.17 14.76
N THR A 184 -23.55 15.02 14.75
CA THR A 184 -24.42 16.07 15.24
C THR A 184 -25.29 15.51 16.36
N ALA A 185 -25.44 16.29 17.43
CA ALA A 185 -26.33 15.92 18.52
C ALA A 185 -27.34 17.03 18.72
N VAL A 186 -28.62 16.66 18.78
CA VAL A 186 -29.71 17.61 18.84
C VAL A 186 -30.58 17.25 20.04
N ASP A 187 -31.00 18.26 20.79
CA ASP A 187 -31.95 18.08 21.88
C ASP A 187 -33.38 18.27 21.37
N GLY A 188 -34.35 18.06 22.25
CA GLY A 188 -35.74 18.21 21.88
C GLY A 188 -36.43 19.47 22.36
N GLY A 189 -35.67 20.56 22.50
CA GLY A 189 -36.24 21.82 22.90
C GLY A 189 -36.98 22.51 21.79
N ASN A 190 -37.60 23.64 22.13
CA ASN A 190 -38.34 24.46 21.18
C ASN A 190 -37.81 25.88 21.26
N PRO A 191 -36.94 26.30 20.32
CA PRO A 191 -36.47 25.47 19.21
C PRO A 191 -35.40 24.48 19.61
N PRO A 192 -35.19 23.43 18.81
CA PRO A 192 -34.14 22.47 19.12
C PRO A 192 -32.77 23.11 19.05
N ARG A 193 -31.91 22.76 20.00
CA ARG A 193 -30.53 23.21 19.98
C ARG A 193 -29.64 22.01 19.69
N SER A 194 -28.53 22.26 19.03
CA SER A 194 -27.68 21.17 18.61
C SER A 194 -26.22 21.62 18.60
N GLY A 195 -25.34 20.62 18.53
CA GLY A 195 -23.92 20.89 18.35
C GLY A 195 -23.27 19.78 17.57
N THR A 196 -22.18 20.11 16.90
CA THR A 196 -21.53 19.18 16.01
C THR A 196 -20.07 19.01 16.39
N ALA A 197 -19.46 17.94 15.87
CA ALA A 197 -18.04 17.70 16.05
C ALA A 197 -17.47 17.04 14.80
N GLU A 198 -16.25 17.42 14.43
CA GLU A 198 -15.57 16.83 13.28
C GLU A 198 -14.75 15.63 13.70
N LEU A 199 -15.00 14.51 13.05
CA LEU A 199 -14.35 13.24 13.34
C LEU A 199 -13.50 12.95 12.10
N ARG A 200 -12.19 12.96 12.26
CA ARG A 200 -11.25 12.66 11.19
C ARG A 200 -10.70 11.28 11.47
N VAL A 201 -11.01 10.33 10.58
CA VAL A 201 -10.52 8.97 10.68
C VAL A 201 -9.49 8.75 9.59
N SER A 202 -8.34 8.21 9.98
CA SER A 202 -7.27 7.87 9.05
C SER A 202 -7.15 6.35 9.05
N VAL A 203 -6.83 5.79 7.90
CA VAL A 203 -6.70 4.36 7.73
C VAL A 203 -5.23 4.00 7.74
N LEU A 204 -4.86 3.16 8.69
CA LEU A 204 -3.47 2.74 8.82
C LEU A 204 -3.21 1.61 7.85
N ASP A 205 -2.03 1.60 7.26
CA ASP A 205 -1.73 0.67 6.19
C ASP A 205 -1.38 -0.72 6.71
N VAL A 206 -1.95 -1.72 6.05
CA VAL A 206 -1.53 -3.11 6.18
C VAL A 206 -0.84 -3.47 4.86
N ASN A 207 0.17 -4.32 4.93
CA ASN A 207 0.84 -4.80 3.72
C ASN A 207 -0.01 -5.87 3.05
N ASP A 208 -1.05 -5.42 2.34
CA ASP A 208 -1.98 -6.33 1.67
C ASP A 208 -1.83 -6.30 0.15
N ASN A 209 -0.81 -5.61 -0.37
CA ASN A 209 -0.52 -5.59 -1.79
C ASN A 209 0.88 -6.14 -2.03
N ALA A 210 1.00 -7.12 -2.92
CA ALA A 210 2.27 -7.51 -3.48
C ALA A 210 2.67 -6.61 -4.64
N PRO A 211 3.97 -6.53 -4.95
CA PRO A 211 4.40 -5.77 -6.14
C PRO A 211 3.73 -6.33 -7.39
N ALA A 212 3.53 -5.45 -8.37
CA ALA A 212 2.91 -5.81 -9.63
C ALA A 212 3.84 -5.46 -10.78
N PHE A 213 4.19 -6.47 -11.59
CA PHE A 213 5.00 -6.21 -12.76
C PHE A 213 4.16 -5.55 -13.85
N GLN A 214 4.83 -4.78 -14.73
CA GLN A 214 4.11 -4.16 -15.83
C GLN A 214 3.47 -5.21 -16.73
N GLN A 215 4.20 -6.28 -17.02
CA GLN A 215 3.71 -7.37 -17.85
C GLN A 215 3.86 -8.68 -17.08
N SER A 216 3.05 -9.68 -17.44
CA SER A 216 3.13 -10.95 -16.73
C SER A 216 4.43 -11.67 -17.02
N SER A 217 4.96 -11.55 -18.24
CA SER A 217 6.26 -12.12 -18.57
C SER A 217 6.89 -11.31 -19.70
N TYR A 218 8.21 -11.38 -19.78
CA TYR A 218 8.98 -10.69 -20.81
C TYR A 218 9.82 -11.67 -21.60
N ARG A 219 9.94 -11.43 -22.91
CA ARG A 219 10.74 -12.25 -23.81
C ARG A 219 11.67 -11.33 -24.59
N ILE A 220 12.98 -11.63 -24.57
CA ILE A 220 14.02 -10.75 -25.08
C ILE A 220 14.86 -11.49 -26.11
N SER A 221 15.22 -10.80 -27.18
CA SER A 221 16.17 -11.29 -28.17
C SER A 221 17.43 -10.43 -28.11
N VAL A 222 18.59 -11.08 -28.15
CA VAL A 222 19.86 -10.38 -28.06
C VAL A 222 20.90 -11.10 -28.90
N LEU A 223 21.72 -10.32 -29.60
CA LEU A 223 22.79 -10.88 -30.41
C LEU A 223 23.88 -11.43 -29.51
N GLU A 224 24.42 -12.60 -29.86
CA GLU A 224 25.45 -13.23 -29.03
C GLU A 224 26.71 -12.38 -28.93
N SER A 225 26.84 -11.33 -29.73
CA SER A 225 27.99 -10.44 -29.67
C SER A 225 27.77 -9.25 -28.75
N ALA A 226 26.63 -9.17 -28.08
CA ALA A 226 26.32 -8.02 -27.25
C ALA A 226 27.42 -7.88 -26.20
N PRO A 227 27.88 -6.67 -25.92
CA PRO A 227 29.00 -6.51 -24.98
C PRO A 227 28.55 -6.64 -23.53
N ALA A 228 29.51 -7.01 -22.69
CA ALA A 228 29.24 -7.09 -21.26
C ALA A 228 28.86 -5.72 -20.73
N GLY A 229 27.89 -5.71 -19.81
CA GLY A 229 27.40 -4.47 -19.26
C GLY A 229 26.24 -3.88 -20.01
N MET A 230 25.77 -4.54 -21.07
CA MET A 230 24.62 -4.08 -21.81
C MET A 230 23.34 -4.36 -21.04
N VAL A 231 22.45 -3.37 -21.03
CA VAL A 231 21.15 -3.51 -20.39
C VAL A 231 20.21 -4.22 -21.37
N LEU A 232 19.74 -5.40 -20.98
CA LEU A 232 18.85 -6.17 -21.82
C LEU A 232 17.41 -5.71 -21.66
N ILE A 233 17.03 -5.32 -20.45
CA ILE A 233 15.67 -4.89 -20.17
C ILE A 233 15.66 -4.19 -18.82
N GLN A 234 14.70 -3.31 -18.61
CA GLN A 234 14.48 -2.72 -17.30
C GLN A 234 13.12 -3.19 -16.80
N LEU A 235 13.12 -3.98 -15.74
CA LEU A 235 11.90 -4.44 -15.12
C LEU A 235 11.29 -3.34 -14.28
N ASN A 236 9.98 -3.16 -14.41
CA ASN A 236 9.26 -2.16 -13.64
C ASN A 236 8.17 -2.88 -12.85
N ALA A 237 8.11 -2.58 -11.56
CA ALA A 237 7.08 -3.09 -10.68
C ALA A 237 6.69 -2.01 -9.70
N SER A 238 5.40 -1.94 -9.38
CA SER A 238 4.88 -0.94 -8.46
C SER A 238 4.26 -1.62 -7.25
N ASP A 239 4.29 -0.92 -6.13
CA ASP A 239 3.67 -1.44 -4.91
C ASP A 239 2.97 -0.29 -4.21
N PRO A 240 1.65 -0.31 -4.12
CA PRO A 240 0.91 0.87 -3.63
C PRO A 240 0.90 1.04 -2.13
N ASP A 241 1.41 0.09 -1.35
CA ASP A 241 1.39 0.24 0.09
C ASP A 241 2.31 1.37 0.54
N LEU A 242 2.21 1.71 1.82
CA LEU A 242 2.91 2.84 2.41
C LEU A 242 4.22 2.41 3.08
N GLY A 243 5.23 3.28 3.02
CA GLY A 243 6.48 3.06 3.69
C GLY A 243 7.26 1.87 3.16
N PRO A 244 7.97 1.18 4.04
CA PRO A 244 8.74 -0.01 3.60
C PRO A 244 7.84 -1.06 2.96
N SER A 245 6.56 -1.11 3.37
CA SER A 245 5.58 -2.03 2.80
C SER A 245 5.31 -1.72 1.34
N GLY A 246 5.82 -0.60 0.83
CA GLY A 246 5.73 -0.15 -0.54
C GLY A 246 7.10 -0.06 -1.22
N ASN A 247 8.11 -0.64 -0.58
CA ASN A 247 9.47 -0.63 -1.08
C ASN A 247 9.77 -1.93 -1.78
N VAL A 248 10.09 -1.83 -3.06
CA VAL A 248 10.23 -2.98 -3.95
C VAL A 248 11.70 -3.26 -4.13
N THR A 249 12.09 -4.53 -4.05
CA THR A 249 13.42 -4.93 -4.45
C THR A 249 13.33 -6.15 -5.35
N PHE A 250 14.32 -6.29 -6.23
CA PHE A 250 14.30 -7.31 -7.26
C PHE A 250 15.41 -8.30 -6.99
N SER A 251 15.19 -9.54 -7.40
CA SER A 251 16.23 -10.55 -7.27
C SER A 251 15.91 -11.72 -8.17
N PHE A 252 16.90 -12.57 -8.38
CA PHE A 252 16.66 -13.83 -9.03
C PHE A 252 15.85 -14.69 -8.07
N SER A 253 15.06 -15.62 -8.62
CA SER A 253 14.43 -16.58 -7.73
C SER A 253 15.49 -17.34 -6.94
N GLY A 254 15.10 -17.85 -5.77
CA GLY A 254 16.07 -18.50 -4.91
C GLY A 254 16.69 -19.71 -5.56
N HIS A 255 15.93 -20.38 -6.43
CA HIS A 255 16.37 -21.61 -7.06
C HIS A 255 17.00 -21.38 -8.44
N THR A 256 17.47 -20.17 -8.70
CA THR A 256 17.94 -19.81 -10.03
C THR A 256 19.31 -20.47 -10.24
N PRO A 257 19.48 -21.25 -11.30
CA PRO A 257 20.74 -21.97 -11.48
C PRO A 257 21.91 -21.03 -11.71
N ASP A 258 23.09 -21.56 -11.40
CA ASP A 258 24.32 -20.77 -11.42
C ASP A 258 24.70 -20.35 -12.83
N ARG A 259 24.33 -21.15 -13.83
CA ARG A 259 24.61 -20.78 -15.22
C ARG A 259 23.90 -19.49 -15.61
N VAL A 260 22.76 -19.19 -14.98
CA VAL A 260 22.09 -17.92 -15.23
C VAL A 260 22.74 -16.78 -14.45
N ARG A 261 22.99 -16.99 -13.15
CA ARG A 261 23.58 -15.94 -12.32
C ARG A 261 24.96 -15.52 -12.82
N ASN A 262 25.67 -16.42 -13.49
CA ASN A 262 27.00 -16.11 -14.02
C ASN A 262 26.95 -15.16 -15.20
N LEU A 263 25.91 -15.24 -16.02
CA LEU A 263 25.83 -14.48 -17.27
C LEU A 263 25.02 -13.20 -17.16
N PHE A 264 24.09 -13.12 -16.20
CA PHE A 264 23.18 -11.99 -16.06
C PHE A 264 23.21 -11.48 -14.62
N SER A 265 23.02 -10.17 -14.47
CA SER A 265 22.93 -9.59 -13.15
C SER A 265 21.76 -8.61 -13.13
N LEU A 266 21.14 -8.47 -11.96
CA LEU A 266 19.91 -7.71 -11.82
C LEU A 266 20.09 -6.69 -10.71
N HIS A 267 19.93 -5.42 -11.04
CA HIS A 267 20.11 -4.37 -10.04
C HIS A 267 18.94 -4.40 -9.05
N PRO A 268 19.21 -4.47 -7.75
CA PRO A 268 18.11 -4.72 -6.80
C PRO A 268 17.13 -3.56 -6.71
N THR A 269 17.57 -2.33 -6.91
CA THR A 269 16.69 -1.17 -6.81
C THR A 269 16.06 -0.81 -8.14
N THR A 270 16.86 -0.67 -9.19
CA THR A 270 16.35 -0.19 -10.47
C THR A 270 15.69 -1.29 -11.30
N GLY A 271 15.96 -2.55 -11.01
CA GLY A 271 15.45 -3.62 -11.86
C GLY A 271 16.09 -3.74 -13.22
N LYS A 272 17.18 -3.03 -13.49
CA LYS A 272 17.85 -3.18 -14.77
C LYS A 272 18.57 -4.52 -14.82
N LEU A 273 18.25 -5.35 -15.82
CA LEU A 273 18.98 -6.57 -16.04
C LEU A 273 20.11 -6.30 -17.04
N THR A 274 21.34 -6.55 -16.60
CA THR A 274 22.53 -6.33 -17.43
C THR A 274 23.20 -7.66 -17.73
N LEU A 275 24.05 -7.62 -18.77
CA LEU A 275 24.80 -8.79 -19.19
C LEU A 275 26.19 -8.80 -18.55
N GLN A 276 26.56 -9.94 -17.97
CA GLN A 276 27.77 -10.06 -17.17
C GLN A 276 28.90 -10.82 -17.84
N GLY A 277 28.64 -11.50 -18.94
CA GLY A 277 29.66 -12.30 -19.55
C GLY A 277 29.33 -12.72 -20.96
N PRO A 278 30.22 -13.50 -21.55
CA PRO A 278 30.05 -13.85 -22.96
C PRO A 278 28.86 -14.78 -23.18
N LEU A 279 28.12 -14.50 -24.25
CA LEU A 279 27.05 -15.37 -24.71
C LEU A 279 27.60 -16.21 -25.86
N ASP A 280 26.94 -17.33 -26.13
CA ASP A 280 27.41 -18.18 -27.21
C ASP A 280 26.22 -18.97 -27.77
N PHE A 281 25.73 -18.53 -28.92
CA PHE A 281 24.64 -19.22 -29.60
C PHE A 281 24.97 -20.67 -29.89
N GLU A 282 26.26 -20.97 -30.10
CA GLU A 282 26.66 -22.31 -30.51
C GLU A 282 26.50 -23.35 -29.40
N SER A 283 26.63 -22.95 -28.13
CA SER A 283 26.48 -23.88 -27.01
C SER A 283 25.11 -23.84 -26.34
N GLU A 284 24.51 -22.65 -26.24
CA GLU A 284 23.23 -22.42 -25.59
C GLU A 284 22.51 -21.35 -26.38
N ASN A 285 21.27 -21.62 -26.78
CA ASN A 285 20.52 -20.71 -27.63
C ASN A 285 19.45 -19.92 -26.91
N TYR A 286 19.08 -20.30 -25.69
CA TYR A 286 18.10 -19.49 -24.98
C TYR A 286 18.19 -19.78 -23.49
N TYR A 287 17.65 -18.85 -22.70
CA TYR A 287 17.63 -18.98 -21.25
C TYR A 287 16.26 -18.55 -20.75
N GLU A 288 15.67 -19.36 -19.88
CA GLU A 288 14.41 -19.00 -19.24
C GLU A 288 14.61 -19.09 -17.74
N PHE A 289 14.21 -18.04 -17.03
CA PHE A 289 14.39 -18.01 -15.58
C PHE A 289 13.35 -17.08 -14.96
N ASP A 290 13.20 -17.19 -13.65
CA ASP A 290 12.23 -16.38 -12.93
C ASP A 290 12.95 -15.35 -12.07
N VAL A 291 12.38 -14.15 -12.03
CA VAL A 291 12.84 -13.11 -11.13
C VAL A 291 11.68 -12.77 -10.20
N ARG A 292 11.99 -12.15 -9.07
CA ARG A 292 10.94 -11.85 -8.12
C ARG A 292 11.11 -10.43 -7.61
N ALA A 293 9.98 -9.81 -7.27
CA ALA A 293 9.96 -8.54 -6.58
C ALA A 293 9.33 -8.75 -5.22
N ARG A 294 10.03 -8.32 -4.17
CA ARG A 294 9.56 -8.43 -2.80
C ARG A 294 9.44 -7.05 -2.18
N ASP A 295 8.39 -6.85 -1.40
CA ASP A 295 8.27 -5.63 -0.62
C ASP A 295 8.94 -5.81 0.74
N GLY A 296 9.12 -4.69 1.45
CA GLY A 296 9.76 -4.71 2.75
C GLY A 296 8.79 -4.92 3.89
N GLY A 297 7.60 -5.43 3.60
CA GLY A 297 6.64 -5.70 4.65
C GLY A 297 7.00 -6.88 5.53
N SER A 298 6.22 -7.00 6.60
CA SER A 298 6.37 -8.08 7.60
C SER A 298 5.02 -8.73 7.86
N PRO A 299 4.75 -9.91 7.29
CA PRO A 299 5.64 -10.66 6.40
C PRO A 299 5.66 -10.13 4.97
N ALA A 300 6.66 -10.53 4.18
CA ALA A 300 6.81 -9.95 2.85
C ALA A 300 5.89 -10.64 1.84
N MET A 301 5.34 -9.83 0.94
CA MET A 301 4.62 -10.31 -0.24
C MET A 301 5.57 -10.31 -1.43
N GLU A 302 5.53 -11.36 -2.24
CA GLU A 302 6.41 -11.43 -3.39
C GLU A 302 5.64 -11.80 -4.64
N GLN A 303 6.11 -11.30 -5.79
CA GLN A 303 5.54 -11.70 -7.07
C GLN A 303 6.66 -12.04 -8.04
N HIS A 304 6.51 -13.15 -8.75
CA HIS A 304 7.50 -13.62 -9.72
C HIS A 304 7.09 -13.27 -11.14
N CYS A 305 8.10 -13.21 -12.01
CA CYS A 305 7.93 -12.91 -13.43
C CYS A 305 8.89 -13.79 -14.22
N SER A 306 8.40 -14.30 -15.35
CA SER A 306 9.18 -15.22 -16.18
C SER A 306 9.87 -14.45 -17.30
N LEU A 307 11.17 -14.68 -17.44
CA LEU A 307 11.99 -14.07 -18.48
C LEU A 307 12.53 -15.14 -19.41
N ARG A 308 12.50 -14.86 -20.70
CA ARG A 308 13.14 -15.73 -21.68
C ARG A 308 13.99 -14.84 -22.57
N VAL A 309 15.26 -15.20 -22.68
CA VAL A 309 16.26 -14.46 -23.46
C VAL A 309 16.70 -15.38 -24.57
N ASP A 310 16.39 -15.00 -25.81
CA ASP A 310 16.77 -15.75 -26.99
C ASP A 310 18.05 -15.14 -27.56
N LEU A 311 19.01 -15.99 -27.88
CA LEU A 311 20.24 -15.51 -28.51
C LEU A 311 20.10 -15.51 -30.02
N LEU A 312 20.77 -14.54 -30.65
CA LEU A 312 20.81 -14.42 -32.11
C LEU A 312 22.20 -14.78 -32.58
N ASP A 313 22.30 -15.63 -33.61
CA ASP A 313 23.60 -16.04 -34.12
C ASP A 313 24.36 -14.88 -34.75
N VAL A 314 25.64 -14.77 -34.41
CA VAL A 314 26.58 -13.85 -35.02
C VAL A 314 27.67 -14.69 -35.68
N ASN A 315 28.18 -14.21 -36.83
CA ASN A 315 29.27 -14.92 -37.50
C ASN A 315 30.57 -14.62 -36.75
N ASP A 316 30.73 -15.28 -35.60
CA ASP A 316 31.89 -15.10 -34.74
C ASP A 316 32.85 -16.29 -34.75
N ASN A 317 32.71 -17.23 -35.67
CA ASN A 317 33.65 -18.34 -35.77
C ASN A 317 34.08 -18.48 -37.22
N ALA A 318 35.39 -18.39 -37.47
CA ALA A 318 35.95 -18.77 -38.75
C ALA A 318 36.13 -20.28 -38.87
N PRO A 319 36.17 -20.80 -40.11
CA PRO A 319 36.32 -22.26 -40.27
C PRO A 319 37.61 -22.76 -39.65
N HIS A 320 37.57 -24.00 -39.17
CA HIS A 320 38.74 -24.66 -38.57
C HIS A 320 39.21 -25.75 -39.52
N ILE A 321 40.49 -25.72 -39.88
CA ILE A 321 41.02 -26.69 -40.83
C ILE A 321 41.83 -27.71 -40.05
N THR A 322 41.42 -28.98 -40.17
CA THR A 322 42.09 -30.13 -39.60
C THR A 322 42.60 -31.03 -40.72
N VAL A 323 43.91 -31.22 -40.78
CA VAL A 323 44.53 -32.11 -41.77
C VAL A 323 44.62 -33.50 -41.15
N THR A 324 43.67 -34.37 -41.51
CA THR A 324 43.54 -35.67 -40.87
C THR A 324 44.79 -36.52 -41.11
N SER A 325 45.18 -36.69 -42.37
CA SER A 325 46.37 -37.47 -42.66
C SER A 325 47.17 -36.76 -43.74
N GLU A 326 48.48 -36.99 -43.72
CA GLU A 326 49.42 -36.25 -44.54
C GLU A 326 50.57 -37.16 -44.95
N LEU A 327 50.83 -37.24 -46.25
CA LEU A 327 51.90 -38.12 -46.71
C LEU A 327 53.26 -37.58 -46.28
N GLY A 328 53.42 -36.26 -46.25
CA GLY A 328 54.68 -35.63 -45.82
C GLY A 328 55.79 -35.67 -46.83
N THR A 329 56.14 -36.85 -47.32
CA THR A 329 57.18 -37.05 -48.31
C THR A 329 56.58 -37.84 -49.45
N LEU A 330 56.91 -37.46 -50.68
CA LEU A 330 56.31 -38.08 -51.85
C LEU A 330 57.35 -38.31 -52.94
N PRO A 331 57.33 -39.50 -53.55
CA PRO A 331 58.26 -39.76 -54.65
C PRO A 331 57.80 -39.05 -55.91
N GLU A 332 58.78 -38.50 -56.64
CA GLU A 332 58.53 -37.77 -57.87
C GLU A 332 57.94 -38.64 -58.97
N SER A 333 58.00 -39.96 -58.81
CA SER A 333 57.44 -40.89 -59.79
C SER A 333 55.93 -41.09 -59.65
N ALA A 334 55.30 -40.56 -58.59
CA ALA A 334 53.88 -40.83 -58.38
C ALA A 334 53.03 -40.27 -59.52
N GLU A 335 52.04 -41.06 -59.94
CA GLU A 335 51.16 -40.67 -61.03
C GLU A 335 50.22 -39.55 -60.62
N PRO A 336 49.75 -38.74 -61.56
CA PRO A 336 48.76 -37.71 -61.22
C PRO A 336 47.48 -38.35 -60.69
N GLY A 337 46.82 -37.67 -59.76
CA GLY A 337 45.68 -38.22 -59.08
C GLY A 337 46.00 -38.81 -57.71
N THR A 338 47.26 -38.80 -57.32
CA THR A 338 47.67 -39.37 -56.03
C THR A 338 47.17 -38.50 -54.89
N VAL A 339 46.46 -39.11 -53.94
CA VAL A 339 45.93 -38.33 -52.83
C VAL A 339 47.10 -38.01 -51.91
N VAL A 340 47.31 -36.73 -51.65
CA VAL A 340 48.40 -36.29 -50.80
C VAL A 340 47.95 -36.00 -49.38
N ALA A 341 46.74 -35.47 -49.20
CA ALA A 341 46.33 -35.15 -47.83
C ALA A 341 44.82 -35.25 -47.67
N LEU A 342 44.39 -35.54 -46.45
CA LEU A 342 42.98 -35.53 -46.08
C LEU A 342 42.69 -34.32 -45.20
N ILE A 343 41.66 -33.55 -45.57
CA ILE A 343 41.31 -32.28 -44.94
C ILE A 343 39.83 -32.29 -44.59
N SER A 344 39.52 -31.96 -43.35
CA SER A 344 38.15 -31.75 -42.91
C SER A 344 38.02 -30.33 -42.38
N VAL A 345 36.88 -29.70 -42.68
CA VAL A 345 36.58 -28.35 -42.23
C VAL A 345 35.29 -28.38 -41.43
N GLN A 346 35.18 -27.44 -40.50
CA GLN A 346 33.98 -27.29 -39.71
C GLN A 346 33.79 -25.82 -39.34
N ASP A 347 32.54 -25.37 -39.33
CA ASP A 347 32.22 -24.03 -38.90
C ASP A 347 30.99 -24.09 -37.99
N PRO A 348 31.13 -23.70 -36.73
CA PRO A 348 30.03 -23.91 -35.77
C PRO A 348 28.84 -22.98 -35.98
N ASP A 349 28.98 -21.93 -36.78
CA ASP A 349 27.88 -21.01 -36.99
C ASP A 349 26.79 -21.67 -37.85
N SER A 350 25.64 -21.01 -37.91
CA SER A 350 24.47 -21.54 -38.58
C SER A 350 24.18 -20.74 -39.85
N GLY A 351 23.40 -21.36 -40.74
CA GLY A 351 23.06 -20.75 -42.02
C GLY A 351 24.29 -20.47 -42.85
N SER A 352 24.21 -19.38 -43.63
CA SER A 352 25.33 -18.98 -44.48
C SER A 352 26.59 -18.70 -43.67
N ASN A 353 26.45 -18.35 -42.39
CA ASN A 353 27.61 -18.14 -41.53
C ASN A 353 28.41 -19.42 -41.29
N GLY A 354 27.85 -20.59 -41.60
CA GLY A 354 28.55 -21.84 -41.36
C GLY A 354 28.80 -22.69 -42.58
N ASP A 355 28.58 -22.13 -43.77
CA ASP A 355 28.79 -22.85 -45.02
C ASP A 355 30.20 -22.58 -45.53
N VAL A 356 31.00 -23.63 -45.66
CA VAL A 356 32.43 -23.52 -45.93
C VAL A 356 32.71 -23.83 -47.40
N SER A 357 33.54 -22.98 -48.02
CA SER A 357 34.13 -23.24 -49.33
C SER A 357 35.65 -23.27 -49.17
N LEU A 358 36.31 -24.04 -50.03
CA LEU A 358 37.75 -24.24 -49.90
C LEU A 358 38.43 -23.94 -51.24
N ARG A 359 39.66 -23.41 -51.17
CA ARG A 359 40.37 -23.07 -52.40
C ARG A 359 41.86 -23.07 -52.18
N ILE A 360 42.59 -23.25 -53.28
CA ILE A 360 44.05 -23.12 -53.31
C ILE A 360 44.44 -22.35 -54.56
N PRO A 361 45.65 -21.77 -54.60
CA PRO A 361 46.06 -21.05 -55.81
C PRO A 361 46.15 -21.96 -57.03
N ASP A 362 45.84 -21.38 -58.19
CA ASP A 362 45.69 -22.17 -59.43
C ASP A 362 47.02 -22.70 -59.97
N HIS A 363 48.09 -21.93 -59.89
CA HIS A 363 49.31 -22.30 -60.61
C HIS A 363 50.01 -23.55 -60.07
N LEU A 364 49.55 -24.11 -58.96
CA LEU A 364 50.22 -25.26 -58.38
C LEU A 364 49.76 -26.54 -59.08
N PRO A 365 50.63 -27.59 -59.12
CA PRO A 365 50.24 -28.88 -59.70
C PRO A 365 49.44 -29.79 -58.77
N PHE A 366 48.45 -29.22 -58.10
CA PHE A 366 47.59 -29.94 -57.16
C PHE A 366 46.14 -29.54 -57.40
N ALA A 367 45.23 -30.34 -56.85
CA ALA A 367 43.81 -30.10 -57.00
C ALA A 367 43.07 -30.60 -55.77
N LEU A 368 41.88 -30.03 -55.57
CA LEU A 368 41.02 -30.37 -54.44
C LEU A 368 39.86 -31.22 -54.94
N LYS A 369 39.65 -32.36 -54.30
CA LYS A 369 38.56 -33.28 -54.61
C LYS A 369 37.67 -33.41 -53.39
N SER A 370 36.36 -33.54 -53.59
CA SER A 370 35.44 -33.67 -52.47
C SER A 370 34.46 -34.78 -52.78
N ALA A 371 34.41 -35.78 -51.91
CA ALA A 371 33.45 -36.88 -52.00
C ALA A 371 32.39 -36.84 -50.92
N PHE A 372 32.60 -36.09 -49.84
CA PHE A 372 31.61 -36.03 -48.78
C PHE A 372 31.44 -34.57 -48.36
N ARG A 373 30.31 -34.28 -47.72
CA ARG A 373 30.01 -32.90 -47.33
C ARG A 373 31.09 -32.33 -46.42
N ASN A 374 31.66 -31.19 -46.80
CA ASN A 374 32.66 -30.46 -46.03
C ASN A 374 33.94 -31.27 -45.82
N GLN A 375 34.17 -32.28 -46.66
CA GLN A 375 35.40 -33.07 -46.63
C GLN A 375 36.12 -32.94 -47.96
N PHE A 376 37.41 -32.59 -47.92
CA PHE A 376 38.20 -32.44 -49.12
C PHE A 376 39.49 -33.26 -49.02
N SER A 377 39.89 -33.85 -50.12
CA SER A 377 41.20 -34.50 -50.23
C SER A 377 42.04 -33.73 -51.25
N LEU A 378 43.30 -33.51 -50.90
CA LEU A 378 44.23 -32.82 -51.79
C LEU A 378 45.03 -33.87 -52.57
N VAL A 379 44.91 -33.83 -53.90
CA VAL A 379 45.49 -34.81 -54.80
C VAL A 379 46.39 -34.11 -55.81
N THR A 380 47.30 -34.90 -56.40
CA THR A 380 48.15 -34.42 -57.48
C THR A 380 47.35 -34.27 -58.78
N ALA A 381 47.55 -33.13 -59.46
CA ALA A 381 46.84 -32.83 -60.68
C ALA A 381 47.74 -32.65 -61.90
N GLY A 382 49.05 -32.81 -61.76
CA GLY A 382 49.96 -32.73 -62.88
C GLY A 382 51.24 -33.50 -62.63
N PRO A 383 52.13 -33.52 -63.62
CA PRO A 383 53.40 -34.22 -63.44
C PRO A 383 54.31 -33.50 -62.45
N LEU A 384 55.16 -34.28 -61.79
CA LEU A 384 56.12 -33.80 -60.80
C LEU A 384 57.53 -34.24 -61.13
N ASP A 385 58.50 -33.33 -60.93
CA ASP A 385 59.90 -33.62 -61.20
C ASP A 385 60.69 -33.03 -60.04
N ARG A 386 61.37 -33.91 -59.28
CA ARG A 386 62.03 -33.45 -58.06
C ARG A 386 63.10 -32.41 -58.41
N GLU A 387 63.85 -32.66 -59.48
CA GLU A 387 64.91 -31.76 -59.92
C GLU A 387 64.38 -30.36 -60.21
N ALA A 388 63.15 -30.25 -60.73
CA ALA A 388 62.59 -28.92 -60.97
C ALA A 388 62.30 -28.24 -59.64
N ARG A 389 61.41 -28.83 -58.84
CA ARG A 389 61.13 -28.32 -57.51
C ARG A 389 61.13 -29.54 -56.60
N SER A 390 61.90 -29.46 -55.53
CA SER A 390 62.06 -30.51 -54.54
C SER A 390 61.05 -30.49 -53.40
N SER A 391 60.34 -29.38 -53.15
CA SER A 391 59.37 -29.37 -52.07
C SER A 391 58.28 -28.35 -52.35
N TYR A 392 57.08 -28.61 -51.81
CA TYR A 392 55.94 -27.72 -51.98
C TYR A 392 55.34 -27.30 -50.64
N ASP A 393 55.02 -26.01 -50.50
CA ASP A 393 54.24 -25.51 -49.37
C ASP A 393 52.86 -25.09 -49.91
N ILE A 394 51.85 -25.95 -49.72
CA ILE A 394 50.54 -25.73 -50.33
C ILE A 394 49.60 -25.01 -49.36
N MET A 395 49.21 -23.79 -49.73
CA MET A 395 48.38 -22.91 -48.90
C MET A 395 46.90 -23.15 -49.21
N VAL A 396 46.19 -23.77 -48.27
CA VAL A 396 44.76 -24.03 -48.36
C VAL A 396 44.02 -22.92 -47.62
N THR A 397 42.96 -22.39 -48.24
CA THR A 397 42.18 -21.30 -47.66
C THR A 397 40.71 -21.69 -47.60
N ALA A 398 40.16 -21.70 -46.39
CA ALA A 398 38.75 -21.92 -46.13
C ALA A 398 38.03 -20.61 -45.87
N SER A 399 36.81 -20.49 -46.37
CA SER A 399 36.01 -19.28 -46.21
C SER A 399 34.56 -19.65 -45.93
N ASP A 400 33.95 -18.97 -44.98
CA ASP A 400 32.51 -19.09 -44.76
C ASP A 400 31.76 -18.04 -45.59
N ALA A 401 30.44 -18.21 -45.66
CA ALA A 401 29.59 -17.36 -46.50
C ALA A 401 28.96 -16.23 -45.69
N GLY A 402 29.59 -15.83 -44.59
CA GLY A 402 29.15 -14.68 -43.83
C GLY A 402 29.46 -13.37 -44.53
N ASN A 403 28.87 -12.30 -43.99
CA ASN A 403 29.14 -10.94 -44.46
C ASN A 403 29.63 -10.11 -43.28
N PRO A 404 30.93 -9.79 -43.19
CA PRO A 404 31.99 -10.20 -44.11
C PRO A 404 32.46 -11.63 -43.86
N PRO A 405 32.99 -12.31 -44.87
CA PRO A 405 33.41 -13.70 -44.68
C PRO A 405 34.65 -13.77 -43.79
N LEU A 406 34.77 -14.91 -43.10
CA LEU A 406 35.94 -15.21 -42.28
C LEU A 406 36.77 -16.29 -42.96
N SER A 407 38.09 -16.14 -42.92
CA SER A 407 38.96 -17.04 -43.65
C SER A 407 39.95 -17.72 -42.72
N THR A 408 40.35 -18.93 -43.07
CA THR A 408 41.39 -19.65 -42.36
C THR A 408 42.42 -20.17 -43.36
N HIS A 409 43.69 -20.06 -43.00
CA HIS A 409 44.80 -20.40 -43.88
C HIS A 409 45.63 -21.51 -43.24
N ARG A 410 45.95 -22.56 -43.99
CA ARG A 410 46.78 -23.64 -43.46
C ARG A 410 47.68 -24.17 -44.56
N THR A 411 48.96 -24.36 -44.26
CA THR A 411 49.91 -24.83 -45.26
C THR A 411 50.33 -26.26 -44.96
N ILE A 412 50.18 -27.11 -45.96
CA ILE A 412 50.68 -28.49 -45.95
C ILE A 412 52.05 -28.53 -46.61
N PHE A 413 53.04 -29.06 -45.90
CA PHE A 413 54.41 -29.15 -46.40
C PHE A 413 54.66 -30.56 -46.95
N LEU A 414 55.15 -30.63 -48.18
CA LEU A 414 55.29 -31.88 -48.92
C LEU A 414 56.68 -31.92 -49.54
N ASN A 415 57.46 -32.93 -49.19
CA ASN A 415 58.75 -33.14 -49.82
C ASN A 415 58.63 -34.06 -51.03
N ILE A 416 59.49 -33.84 -52.02
CA ILE A 416 59.53 -34.61 -53.25
C ILE A 416 60.88 -35.31 -53.36
N SER A 417 60.86 -36.59 -53.68
CA SER A 417 62.08 -37.40 -53.76
C SER A 417 62.27 -37.99 -55.16
C1 NAG B . 10.33 0.46 -17.53
C2 NAG B . 10.20 0.08 -19.00
C3 NAG B . 11.13 0.97 -19.84
C4 NAG B . 10.92 2.47 -19.53
C5 NAG B . 11.07 2.67 -18.03
C6 NAG B . 10.77 4.09 -17.59
C7 NAG B . 9.61 -2.20 -19.69
C8 NAG B . 10.12 -3.59 -19.80
N2 NAG B . 10.50 -1.32 -19.20
O3 NAG B . 10.92 0.72 -21.19
O4 NAG B . 11.89 3.28 -20.21
O5 NAG B . 10.14 1.86 -17.33
O6 NAG B . 9.46 4.41 -17.89
O7 NAG B . 8.47 -1.87 -20.01
C1 NAG B . 11.30 4.03 -21.30
C2 NAG B . 12.46 4.75 -22.04
C3 NAG B . 12.04 5.33 -23.40
C4 NAG B . 11.12 4.36 -24.19
C5 NAG B . 10.00 3.84 -23.30
C6 NAG B . 9.09 2.84 -24.02
C7 NAG B . 13.96 5.45 -20.22
C8 NAG B . 14.48 6.63 -19.43
N2 NAG B . 13.07 5.75 -21.17
O3 NAG B . 13.22 5.58 -24.12
O4 NAG B . 10.52 5.00 -25.33
O5 NAG B . 10.56 3.17 -22.17
O6 NAG B . 7.77 3.00 -23.63
O7 NAG B . 14.31 4.30 -19.99
C1 BMA B . 13.12 6.70 -25.02
C2 BMA B . 14.52 7.32 -25.15
C3 BMA B . 14.45 8.49 -26.13
C4 BMA B . 13.88 8.00 -27.49
C5 BMA B . 12.52 7.36 -27.24
C6 BMA B . 12.02 6.76 -28.58
O2 BMA B . 15.51 6.40 -25.64
O3 BMA B . 15.74 9.04 -26.39
O4 BMA B . 13.71 9.07 -28.41
O5 BMA B . 12.63 6.29 -26.32
O6 BMA B . 10.75 6.25 -28.39
C1 FUC B . 9.04 5.57 -17.14
C2 FUC B . 9.04 6.77 -18.07
C3 FUC B . 8.08 6.49 -19.21
C4 FUC B . 6.67 6.15 -18.66
C5 FUC B . 6.78 5.03 -17.59
C6 FUC B . 5.44 4.72 -16.93
O2 FUC B . 10.31 6.95 -18.60
O3 FUC B . 8.02 7.59 -20.13
O4 FUC B . 6.15 7.31 -18.10
O5 FUC B . 7.73 5.37 -16.60
C1 NAG C . 13.88 1.13 0.29
C2 NAG C . 14.28 2.39 1.07
C3 NAG C . 15.76 2.73 0.76
C4 NAG C . 16.72 1.49 0.85
C5 NAG C . 16.10 0.33 0.09
C6 NAG C . 16.89 -0.99 0.22
C7 NAG C . 12.92 4.35 1.66
C8 NAG C . 11.98 5.39 1.11
N2 NAG C . 13.36 3.46 0.75
O3 NAG C . 16.19 3.74 1.63
O4 NAG C . 18.01 1.78 0.25
O5 NAG C . 14.79 0.07 0.56
O6 NAG C . 16.72 -1.59 1.45
O7 NAG C . 13.28 4.34 2.82
C1 NAG C . 19.09 1.77 1.21
C2 NAG C . 20.33 1.06 0.59
C3 NAG C . 21.52 1.20 1.53
C4 NAG C . 21.79 2.67 1.85
C5 NAG C . 20.54 3.24 2.51
C6 NAG C . 20.70 4.73 2.87
C7 NAG C . 20.48 -0.89 -0.89
C8 NAG C . 20.10 -2.34 -1.06
N2 NAG C . 20.05 -0.32 0.25
O3 NAG C . 22.65 0.63 0.94
O4 NAG C . 22.92 2.81 2.72
O5 NAG C . 19.40 3.12 1.65
O6 NAG C . 19.66 5.16 3.69
O7 NAG C . 21.13 -0.28 -1.71
C1 FUC C . 17.54 -2.79 1.45
C2 FUC C . 18.26 -2.92 2.81
C3 FUC C . 17.29 -3.40 3.90
C4 FUC C . 16.47 -4.61 3.43
C5 FUC C . 15.78 -4.24 2.11
C6 FUC C . 14.86 -5.34 1.59
O2 FUC C . 18.75 -1.67 3.19
O3 FUC C . 17.98 -3.69 5.13
O4 FUC C . 17.36 -5.67 3.22
O5 FUC C . 16.75 -3.96 1.14
C1 MAN D . -28.22 21.27 14.97
C2 MAN D . -28.09 22.66 14.35
C3 MAN D . -29.39 23.45 14.55
C4 MAN D . -30.64 22.67 14.11
C5 MAN D . -30.61 21.28 14.76
C6 MAN D . -31.76 20.39 14.26
O2 MAN D . -27.78 22.58 12.95
O3 MAN D . -29.35 24.62 13.76
O4 MAN D . -31.83 23.33 14.51
O5 MAN D . -29.39 20.60 14.47
O6 MAN D . -31.24 19.26 13.66
C1 MAN E . -19.93 20.75 13.30
C2 MAN E . -18.56 20.87 13.91
C3 MAN E . -18.45 22.17 14.67
C4 MAN E . -18.68 23.36 13.75
C5 MAN E . -19.96 23.14 12.89
C6 MAN E . -20.01 24.12 11.70
O2 MAN E . -17.59 20.91 12.87
O3 MAN E . -17.15 22.31 15.22
O4 MAN E . -18.82 24.57 14.50
O5 MAN E . -20.08 21.80 12.33
O6 MAN E . -21.29 24.15 11.19
CA CA F . -28.56 26.23 34.05
CA CA G . -31.59 23.95 32.03
CA CA H . -30.70 21.22 26.06
CA CA I . -6.08 -3.29 0.48
CA CA J . -2.16 -1.51 1.93
CA CA K . 3.19 -3.98 -0.49
CA CA L . 30.36 -18.50 -30.64
CA CA M . 28.00 -17.83 -33.74
CA CA N . 31.46 -18.68 -39.59
C1 EDO O . -16.50 10.69 3.50
O1 EDO O . -16.68 11.89 4.28
C2 EDO O . -16.04 11.07 2.10
O2 EDO O . -14.83 11.84 2.20
#